data_3H85
#
_entry.id   3H85
#
_cell.length_a   125.301
_cell.length_b   125.301
_cell.length_c   74.546
_cell.angle_alpha   90.000
_cell.angle_beta   90.000
_cell.angle_gamma   120.000
#
_symmetry.space_group_name_H-M   'P 64'
#
loop_
_entity.id
_entity.type
_entity.pdbx_description
1 polymer 'AP-2 complex subunit mu-1'
2 polymer 'Phosphatidylinositol-4-phosphate 5-kinase type-1 gamma'
3 non-polymer 'NICKEL (II) ION'
4 water water
#
loop_
_entity_poly.entity_id
_entity_poly.type
_entity_poly.pdbx_seq_one_letter_code
_entity_poly.pdbx_strand_id
1 'polypeptide(L)'
;MGSSHHHHHHSSGLVPRGSHMQIGWRREGIKYRRNELFLDVLESVNLLMSPQGQVLSAHVSGRVVMKSYLSGMPECKFGM
NDKIVIEKQGKGTADETSKSGKQSIAIDDCTFHQCVRLSKFDSERSISFIPPDGEFELMRYRTTKDIILPFRVIPLVREV
GRTKLEVKVVIKSNFKPSLLAQKIEVRIPTPLNTSGVQVICMKGKAKYKASENAIVWKIKRMAGMKESQISAEIELLPTN
DKKKWARPPISMNFEVPFAPSGLKVRYLKVFEPKLNYSDHDVIKWVRYIGRSGIYETRC
;
A
2 'polypeptide(L)' SWVYSPLH P
#
loop_
_chem_comp.id
_chem_comp.type
_chem_comp.name
_chem_comp.formula
NI non-polymer 'NICKEL (II) ION' 'Ni 2'
#
# COMPACT_ATOMS: atom_id res chain seq x y z
N ILE A 23 20.13 23.21 16.58
CA ILE A 23 20.24 21.73 16.52
C ILE A 23 19.93 21.09 17.88
N GLY A 24 18.67 21.15 18.28
CA GLY A 24 18.24 20.55 19.54
C GLY A 24 17.55 19.22 19.35
N TRP A 25 17.92 18.51 18.29
CA TRP A 25 17.33 17.19 18.00
C TRP A 25 18.40 16.12 17.78
N ARG A 26 19.66 16.46 18.05
CA ARG A 26 20.76 15.52 17.92
C ARG A 26 21.95 15.96 18.76
N ARG A 27 22.33 15.11 19.73
CA ARG A 27 23.44 15.41 20.62
C ARG A 27 24.82 15.25 19.96
N GLU A 28 25.83 15.75 20.66
CA GLU A 28 27.17 15.93 20.10
C GLU A 28 28.00 14.66 19.84
N GLY A 29 28.15 13.81 20.84
CA GLY A 29 29.17 12.76 20.73
C GLY A 29 28.72 11.36 20.35
N ILE A 30 27.86 11.25 19.34
CA ILE A 30 27.35 9.96 18.93
C ILE A 30 28.38 9.24 18.06
N LYS A 31 28.58 7.95 18.32
CA LYS A 31 29.51 7.14 17.54
C LYS A 31 29.04 5.70 17.37
N TYR A 32 29.24 5.15 16.18
CA TYR A 32 29.00 3.74 15.90
C TYR A 32 30.10 3.30 14.95
N ARG A 33 30.80 2.22 15.26
CA ARG A 33 31.55 1.56 14.21
C ARG A 33 30.45 0.74 13.61
N ARG A 34 30.41 0.60 12.30
CA ARG A 34 29.24 -0.03 11.71
C ARG A 34 28.13 1.04 11.61
N ASN A 35 28.34 2.01 10.74
CA ASN A 35 27.39 3.08 10.52
C ASN A 35 26.34 2.63 9.53
N GLU A 36 25.10 2.53 9.99
CA GLU A 36 24.07 1.87 9.23
C GLU A 36 22.79 2.71 9.21
N LEU A 37 22.03 2.60 8.15
CA LEU A 37 20.75 3.28 8.10
C LEU A 37 19.70 2.45 7.39
N PHE A 38 18.47 2.56 7.88
CA PHE A 38 17.33 1.85 7.32
C PHE A 38 16.27 2.86 6.89
N LEU A 39 15.79 2.71 5.65
CA LEU A 39 14.71 3.55 5.11
C LEU A 39 13.42 2.77 4.91
N ASP A 40 12.34 3.28 5.49
CA ASP A 40 11.03 2.70 5.25
C ASP A 40 10.18 3.62 4.39
N VAL A 41 9.73 3.10 3.25
CA VAL A 41 8.81 3.84 2.39
C VAL A 41 7.42 3.23 2.50
N LEU A 42 6.55 3.92 3.23
CA LEU A 42 5.23 3.40 3.57
C LEU A 42 4.12 4.17 2.88
N GLU A 43 3.33 3.47 2.07
CA GLU A 43 2.24 4.09 1.33
C GLU A 43 0.92 3.34 1.43
N SER A 44 -0.18 4.07 1.60
CA SER A 44 -1.48 3.45 1.35
C SER A 44 -2.10 4.03 0.09
N VAL A 45 -2.57 3.14 -0.78
CA VAL A 45 -3.16 3.56 -2.02
C VAL A 45 -4.68 3.45 -1.94
N ASN A 46 -5.36 4.58 -2.15
CA ASN A 46 -6.81 4.63 -2.11
C ASN A 46 -7.44 4.68 -3.49
N LEU A 47 -8.43 3.82 -3.72
CA LEU A 47 -9.08 3.72 -5.02
C LEU A 47 -10.60 3.58 -4.93
N LEU A 48 -11.32 4.38 -5.71
CA LEU A 48 -12.73 4.13 -5.94
C LEU A 48 -12.89 3.84 -7.43
N MET A 49 -13.50 2.71 -7.76
CA MET A 49 -13.57 2.30 -9.14
C MET A 49 -14.98 1.88 -9.55
N SER A 50 -15.38 2.24 -10.76
CA SER A 50 -16.67 1.85 -11.30
C SER A 50 -16.64 0.35 -11.63
N PRO A 51 -17.83 -0.24 -11.83
CA PRO A 51 -17.90 -1.67 -12.12
C PRO A 51 -17.27 -2.02 -13.46
N GLN A 52 -17.14 -1.03 -14.34
CA GLN A 52 -16.55 -1.25 -15.68
C GLN A 52 -15.04 -1.02 -15.71
N GLY A 53 -14.49 -0.51 -14.61
CA GLY A 53 -13.05 -0.38 -14.53
C GLY A 53 -12.58 1.05 -14.69
N GLN A 54 -13.53 1.98 -14.70
CA GLN A 54 -13.16 3.38 -14.72
C GLN A 54 -12.73 3.83 -13.32
N VAL A 55 -11.54 4.42 -13.24
CA VAL A 55 -11.05 4.97 -11.99
C VAL A 55 -11.85 6.21 -11.63
N LEU A 56 -12.71 6.11 -10.62
CA LEU A 56 -13.48 7.26 -10.18
C LEU A 56 -12.64 8.19 -9.32
N SER A 57 -11.72 7.63 -8.54
CA SER A 57 -10.94 8.42 -7.61
C SER A 57 -9.76 7.62 -7.10
N ALA A 58 -8.61 8.28 -6.95
CA ALA A 58 -7.41 7.56 -6.60
C ALA A 58 -6.33 8.49 -6.09
N HIS A 59 -5.70 8.11 -4.99
CA HIS A 59 -4.53 8.84 -4.54
C HIS A 59 -3.67 7.97 -3.63
N VAL A 60 -2.44 8.40 -3.42
CA VAL A 60 -1.54 7.70 -2.54
C VAL A 60 -1.05 8.69 -1.51
N SER A 61 -1.12 8.33 -0.23
CA SER A 61 -0.41 9.13 0.76
C SER A 61 0.63 8.26 1.41
N GLY A 62 1.81 8.83 1.61
CA GLY A 62 2.93 8.04 2.02
C GLY A 62 3.77 8.82 2.98
N ARG A 63 4.75 8.15 3.55
CA ARG A 63 5.71 8.81 4.38
C ARG A 63 6.98 7.99 4.30
N VAL A 64 8.10 8.66 4.53
CA VAL A 64 9.38 7.98 4.61
C VAL A 64 9.85 8.02 6.06
N VAL A 65 10.09 6.85 6.62
CA VAL A 65 10.68 6.78 7.95
C VAL A 65 12.15 6.38 7.84
N MET A 66 12.99 7.07 8.59
CA MET A 66 14.42 6.78 8.57
C MET A 66 14.87 6.34 9.95
N LYS A 67 15.69 5.30 9.96
CA LYS A 67 16.32 4.85 11.19
C LYS A 67 17.81 4.84 10.92
N SER A 68 18.53 5.70 11.63
CA SER A 68 19.93 5.89 11.33
C SER A 68 20.81 5.73 12.55
N TYR A 69 21.93 5.06 12.34
CA TYR A 69 22.97 4.89 13.34
C TYR A 69 24.26 5.35 12.68
N LEU A 70 24.50 6.65 12.80
CA LEU A 70 25.61 7.28 12.12
C LEU A 70 26.42 8.11 13.09
N SER A 71 27.73 7.97 13.00
CA SER A 71 28.64 8.64 13.91
C SER A 71 28.71 10.13 13.62
N GLY A 72 28.74 10.93 14.68
CA GLY A 72 29.05 12.34 14.57
C GLY A 72 27.86 13.22 14.29
N MET A 73 27.99 14.06 13.27
CA MET A 73 26.93 14.99 12.88
C MET A 73 26.79 14.96 11.37
N PRO A 74 26.31 13.82 10.83
CA PRO A 74 26.25 13.62 9.40
C PRO A 74 25.26 14.56 8.72
N GLU A 75 25.63 15.03 7.53
CA GLU A 75 24.74 15.83 6.72
C GLU A 75 24.28 14.95 5.58
N CYS A 76 22.99 14.62 5.57
CA CYS A 76 22.49 13.64 4.64
C CYS A 76 21.74 14.26 3.47
N LYS A 77 21.75 13.55 2.35
CA LYS A 77 21.05 13.99 1.16
C LYS A 77 20.17 12.88 0.59
N PHE A 78 18.86 13.12 0.62
CA PHE A 78 17.87 12.13 0.21
C PHE A 78 17.36 12.43 -1.21
N GLY A 79 17.61 11.52 -2.14
CA GLY A 79 17.20 11.73 -3.51
C GLY A 79 16.33 10.60 -4.00
N MET A 80 15.30 10.97 -4.74
CA MET A 80 14.36 10.00 -5.27
C MET A 80 13.99 10.33 -6.71
N ASN A 81 13.26 9.43 -7.35
CA ASN A 81 12.93 9.53 -8.76
C ASN A 81 11.77 10.49 -9.01
N ASP A 82 11.84 11.69 -8.44
CA ASP A 82 10.75 12.64 -8.63
C ASP A 82 11.19 13.91 -9.32
N LYS A 83 11.96 13.80 -10.41
CA LYS A 83 12.21 14.99 -11.22
C LYS A 83 10.82 15.51 -11.61
N ILE A 84 9.84 14.61 -11.52
CA ILE A 84 8.42 14.92 -11.75
C ILE A 84 8.11 15.17 -13.22
N SER A 104 9.59 8.22 -13.13
CA SER A 104 9.85 9.54 -12.55
C SER A 104 8.56 10.21 -12.10
N ILE A 105 8.25 10.08 -10.81
CA ILE A 105 6.92 10.39 -10.28
C ILE A 105 6.68 11.85 -9.84
N ALA A 106 5.39 12.19 -9.62
CA ALA A 106 4.96 13.57 -9.36
C ALA A 106 4.31 13.77 -7.99
N ILE A 107 4.93 14.56 -7.13
CA ILE A 107 4.43 14.78 -5.78
C ILE A 107 3.53 16.01 -5.69
N ASP A 108 2.28 15.80 -5.29
CA ASP A 108 1.34 16.90 -5.11
C ASP A 108 1.65 17.76 -3.89
N ASP A 109 2.14 17.14 -2.82
CA ASP A 109 2.35 17.89 -1.59
C ASP A 109 3.39 17.28 -0.66
N CYS A 110 3.83 18.05 0.33
CA CYS A 110 4.98 17.68 1.16
C CYS A 110 4.97 18.24 2.56
N THR A 111 5.49 17.44 3.48
CA THR A 111 5.83 17.97 4.77
C THR A 111 7.11 17.28 5.17
N PHE A 112 8.01 18.04 5.77
CA PHE A 112 9.28 17.49 6.16
C PHE A 112 9.43 17.54 7.66
N HIS A 113 10.31 16.70 8.18
CA HIS A 113 10.74 16.82 9.55
C HIS A 113 11.45 18.18 9.67
N GLN A 114 11.10 18.96 10.69
CA GLN A 114 11.75 20.25 10.88
C GLN A 114 13.23 20.03 11.17
N CYS A 115 13.94 19.48 10.18
CA CYS A 115 15.36 19.21 10.28
C CYS A 115 15.91 19.25 8.88
N VAL A 116 14.99 19.16 7.92
CA VAL A 116 15.35 19.28 6.52
C VAL A 116 15.45 20.75 6.15
N ARG A 117 16.31 21.07 5.18
CA ARG A 117 16.60 22.46 4.85
C ARG A 117 16.10 22.85 3.46
N LEU A 118 15.43 24.00 3.39
CA LEU A 118 14.85 24.59 2.16
C LEU A 118 15.33 23.98 0.82
N SER A 119 16.43 24.48 0.29
CA SER A 119 17.04 23.91 -0.91
C SER A 119 18.41 23.29 -0.61
N ARG A 125 17.22 22.22 -6.33
CA ARG A 125 17.26 22.09 -4.88
C ARG A 125 16.93 20.65 -4.49
N SER A 126 17.44 20.22 -3.35
CA SER A 126 17.20 18.86 -2.86
C SER A 126 16.90 18.83 -1.37
N ILE A 127 16.76 17.63 -0.83
CA ILE A 127 16.41 17.45 0.56
C ILE A 127 17.66 17.23 1.41
N SER A 128 17.92 18.14 2.33
CA SER A 128 19.15 18.13 3.10
C SER A 128 18.91 18.22 4.59
N PHE A 129 19.70 17.48 5.36
CA PHE A 129 19.47 17.44 6.79
C PHE A 129 20.54 16.68 7.56
N ILE A 130 20.60 16.98 8.84
CA ILE A 130 21.32 16.19 9.80
C ILE A 130 20.23 15.50 10.62
N PRO A 131 20.09 14.19 10.44
CA PRO A 131 19.03 13.39 11.02
C PRO A 131 19.14 13.28 12.54
N PRO A 132 17.99 13.19 13.24
CA PRO A 132 18.05 12.77 14.62
C PRO A 132 18.65 11.37 14.66
N ASP A 133 19.25 11.00 15.78
CA ASP A 133 19.80 9.66 15.91
C ASP A 133 18.64 8.68 15.98
N GLY A 134 18.81 7.50 15.40
CA GLY A 134 17.77 6.50 15.51
C GLY A 134 16.62 6.73 14.56
N GLU A 135 15.40 6.68 15.09
CA GLU A 135 14.21 6.60 14.24
C GLU A 135 13.39 7.87 14.22
N PHE A 136 13.04 8.34 13.01
CA PHE A 136 12.18 9.52 12.86
C PHE A 136 11.44 9.53 11.52
N GLU A 137 10.45 10.40 11.39
CA GLU A 137 9.72 10.54 10.13
C GLU A 137 10.32 11.65 9.27
N LEU A 138 10.84 11.28 8.12
CA LEU A 138 11.50 12.23 7.25
C LEU A 138 10.48 13.12 6.55
N MET A 139 9.48 12.51 5.94
CA MET A 139 8.44 13.28 5.26
C MET A 139 7.13 12.56 5.06
N ARG A 140 6.07 13.36 4.95
CA ARG A 140 4.77 12.90 4.48
C ARG A 140 4.57 13.47 3.09
N TYR A 141 3.97 12.70 2.20
CA TYR A 141 3.70 13.20 0.87
C TYR A 141 2.37 12.69 0.31
N ARG A 142 1.93 13.34 -0.75
CA ARG A 142 0.68 12.97 -1.41
C ARG A 142 0.87 12.86 -2.91
N THR A 143 0.14 11.95 -3.53
CA THR A 143 0.25 11.69 -4.96
C THR A 143 -1.11 11.38 -5.55
N THR A 144 -1.31 11.76 -6.82
CA THR A 144 -2.59 11.52 -7.47
C THR A 144 -2.40 11.08 -8.91
N LYS A 145 -1.20 11.25 -9.45
CA LYS A 145 -0.98 10.98 -10.85
C LYS A 145 -0.11 9.79 -11.17
N ASP A 146 -0.54 9.04 -12.17
CA ASP A 146 0.16 7.88 -12.68
C ASP A 146 0.52 6.86 -11.63
N ILE A 147 -0.41 6.74 -10.71
CA ILE A 147 -0.33 5.79 -9.64
C ILE A 147 -0.47 4.41 -10.17
N ILE A 148 0.16 3.47 -9.50
CA ILE A 148 0.03 2.06 -9.87
C ILE A 148 -1.03 1.41 -8.99
N LEU A 149 -2.07 0.89 -9.61
CA LEU A 149 -3.12 0.19 -8.91
C LEU A 149 -2.78 -1.29 -8.91
N PRO A 150 -2.27 -1.78 -7.77
CA PRO A 150 -1.78 -3.15 -7.66
C PRO A 150 -2.86 -4.17 -8.00
N PHE A 151 -4.12 -3.83 -7.74
CA PHE A 151 -5.18 -4.80 -7.97
C PHE A 151 -6.36 -4.24 -8.72
N ARG A 152 -6.88 -5.08 -9.60
CA ARG A 152 -8.05 -4.77 -10.37
C ARG A 152 -9.12 -5.78 -9.98
N VAL A 153 -10.21 -5.28 -9.39
CA VAL A 153 -11.32 -6.12 -8.95
C VAL A 153 -12.46 -6.09 -9.98
N ILE A 154 -12.84 -7.25 -10.46
CA ILE A 154 -13.87 -7.34 -11.49
C ILE A 154 -15.13 -8.06 -11.00
N PRO A 155 -16.16 -7.31 -10.60
CA PRO A 155 -17.38 -7.92 -10.07
C PRO A 155 -18.36 -8.37 -11.15
N LEU A 156 -19.06 -9.46 -10.89
CA LEU A 156 -20.11 -9.93 -11.78
C LEU A 156 -21.30 -10.42 -10.96
N VAL A 157 -22.46 -9.81 -11.15
CA VAL A 157 -23.61 -10.12 -10.32
C VAL A 157 -24.86 -10.39 -11.14
N ARG A 158 -25.29 -11.65 -11.20
CA ARG A 158 -26.58 -11.99 -11.79
C ARG A 158 -27.67 -12.30 -10.74
N GLU A 159 -28.83 -11.66 -10.89
CA GLU A 159 -30.00 -12.03 -10.12
C GLU A 159 -30.63 -13.27 -10.72
N VAL A 160 -31.13 -14.15 -9.86
CA VAL A 160 -31.75 -15.38 -10.33
C VAL A 160 -33.10 -15.57 -9.63
N GLY A 161 -34.17 -15.18 -10.31
CA GLY A 161 -35.49 -15.16 -9.69
C GLY A 161 -35.41 -14.16 -8.56
N ARG A 162 -36.32 -14.28 -7.60
CA ARG A 162 -36.27 -13.40 -6.43
C ARG A 162 -35.62 -14.16 -5.28
N THR A 163 -35.08 -15.32 -5.60
CA THR A 163 -34.66 -16.25 -4.57
C THR A 163 -33.14 -16.28 -4.34
N LYS A 164 -32.37 -15.89 -5.34
CA LYS A 164 -30.94 -16.15 -5.33
C LYS A 164 -30.10 -15.11 -6.09
N LEU A 165 -28.94 -14.80 -5.55
CA LEU A 165 -27.96 -13.96 -6.24
C LEU A 165 -26.70 -14.75 -6.60
N GLU A 166 -26.35 -14.77 -7.88
CA GLU A 166 -25.08 -15.36 -8.30
C GLU A 166 -24.00 -14.29 -8.36
N VAL A 167 -22.88 -14.54 -7.68
CA VAL A 167 -21.78 -13.58 -7.68
C VAL A 167 -20.44 -14.21 -8.07
N LYS A 168 -19.79 -13.60 -9.05
CA LYS A 168 -18.43 -13.98 -9.41
C LYS A 168 -17.56 -12.74 -9.29
N VAL A 169 -16.42 -12.90 -8.63
CA VAL A 169 -15.47 -11.80 -8.49
C VAL A 169 -14.08 -12.27 -8.93
N VAL A 170 -13.48 -11.52 -9.84
CA VAL A 170 -12.13 -11.81 -10.30
C VAL A 170 -11.19 -10.69 -9.83
N ILE A 171 -10.03 -11.07 -9.30
CA ILE A 171 -8.99 -10.09 -8.98
C ILE A 171 -7.75 -10.32 -9.86
N LYS A 172 -7.09 -9.24 -10.26
CA LYS A 172 -5.90 -9.36 -11.09
C LYS A 172 -4.72 -8.64 -10.45
N SER A 173 -3.58 -9.32 -10.31
CA SER A 173 -2.36 -8.68 -9.83
C SER A 173 -1.75 -7.86 -10.95
N ASN A 174 -1.67 -6.56 -10.74
CA ASN A 174 -1.12 -5.67 -11.73
C ASN A 174 0.30 -5.21 -11.36
N PHE A 175 1.26 -6.15 -11.42
CA PHE A 175 2.64 -5.82 -11.08
C PHE A 175 3.61 -6.95 -11.43
N LYS A 176 4.89 -6.68 -11.26
CA LYS A 176 5.93 -7.58 -11.76
C LYS A 176 5.68 -9.00 -11.23
N PRO A 177 5.83 -9.99 -12.09
CA PRO A 177 5.50 -11.37 -11.73
C PRO A 177 6.38 -11.93 -10.62
N SER A 178 7.47 -11.24 -10.31
CA SER A 178 8.43 -11.76 -9.33
C SER A 178 8.21 -11.14 -7.96
N LEU A 179 7.26 -10.22 -7.88
CA LEU A 179 6.86 -9.62 -6.61
C LEU A 179 5.64 -10.36 -6.06
N LEU A 180 5.56 -10.46 -4.74
CA LEU A 180 4.50 -11.19 -4.08
C LEU A 180 3.67 -10.23 -3.24
N ALA A 181 2.35 -10.28 -3.43
CA ALA A 181 1.43 -9.55 -2.57
C ALA A 181 1.05 -10.47 -1.43
N GLN A 182 0.73 -9.90 -0.28
CA GLN A 182 0.21 -10.72 0.80
C GLN A 182 -0.85 -10.03 1.66
N LYS A 183 -1.45 -10.80 2.56
CA LYS A 183 -2.55 -10.32 3.38
C LYS A 183 -3.70 -9.79 2.51
N ILE A 184 -4.03 -10.57 1.48
CA ILE A 184 -5.08 -10.21 0.56
C ILE A 184 -6.45 -10.58 1.10
N GLU A 185 -7.33 -9.59 1.16
CA GLU A 185 -8.67 -9.80 1.65
C GLU A 185 -9.69 -9.09 0.77
N VAL A 186 -10.66 -9.85 0.28
CA VAL A 186 -11.73 -9.28 -0.51
C VAL A 186 -13.04 -9.40 0.26
N ARG A 187 -13.74 -8.28 0.41
CA ARG A 187 -15.02 -8.27 1.11
C ARG A 187 -16.18 -7.98 0.16
N ILE A 188 -17.04 -8.98 0.01
CA ILE A 188 -18.22 -8.89 -0.83
C ILE A 188 -19.45 -8.70 0.07
N PRO A 189 -20.07 -7.53 0.01
CA PRO A 189 -21.23 -7.32 0.90
C PRO A 189 -22.40 -8.21 0.49
N THR A 190 -23.26 -8.56 1.45
CA THR A 190 -24.45 -9.36 1.17
C THR A 190 -25.67 -8.65 1.75
N PRO A 191 -26.84 -8.85 1.14
CA PRO A 191 -28.03 -8.12 1.52
C PRO A 191 -28.55 -8.52 2.91
N LEU A 192 -29.26 -7.62 3.57
CA LEU A 192 -29.86 -7.92 4.87
C LEU A 192 -30.66 -9.21 4.89
N ASN A 193 -31.46 -9.44 3.86
CA ASN A 193 -32.34 -10.62 3.82
C ASN A 193 -31.64 -11.86 3.28
N THR A 194 -30.43 -12.11 3.75
CA THR A 194 -29.66 -13.26 3.28
C THR A 194 -29.85 -14.45 4.23
N SER A 195 -30.28 -15.57 3.67
CA SER A 195 -30.56 -16.74 4.49
C SER A 195 -29.36 -17.64 4.58
N GLY A 196 -28.46 -17.54 3.61
CA GLY A 196 -27.24 -18.34 3.59
C GLY A 196 -26.43 -18.10 2.33
N VAL A 197 -25.26 -18.70 2.26
CA VAL A 197 -24.35 -18.49 1.15
C VAL A 197 -23.57 -19.75 0.80
N GLN A 198 -23.48 -20.05 -0.50
CA GLN A 198 -22.54 -21.04 -0.99
C GLN A 198 -21.35 -20.32 -1.62
N VAL A 199 -20.16 -20.86 -1.43
CA VAL A 199 -18.94 -20.26 -1.97
C VAL A 199 -17.90 -21.29 -2.43
N ILE A 200 -17.34 -21.07 -3.63
CA ILE A 200 -16.20 -21.84 -4.06
C ILE A 200 -15.06 -20.93 -4.51
N CYS A 201 -13.83 -21.28 -4.10
CA CYS A 201 -12.63 -20.56 -4.55
C CYS A 201 -11.42 -21.49 -4.59
N MET A 202 -10.76 -21.56 -5.73
CA MET A 202 -9.56 -22.38 -5.90
C MET A 202 -8.35 -21.88 -5.10
N LYS A 203 -8.40 -20.64 -4.60
CA LYS A 203 -7.30 -20.11 -3.81
C LYS A 203 -7.78 -19.42 -2.57
N GLY A 204 -6.95 -19.44 -1.53
CA GLY A 204 -7.29 -18.80 -0.27
C GLY A 204 -8.43 -19.54 0.38
N LYS A 205 -9.14 -18.86 1.27
CA LYS A 205 -10.31 -19.43 1.95
C LYS A 205 -11.34 -18.32 2.13
N ALA A 206 -12.61 -18.70 2.17
CA ALA A 206 -13.69 -17.73 2.23
C ALA A 206 -14.76 -18.14 3.22
N LYS A 207 -15.29 -17.18 3.98
CA LYS A 207 -16.36 -17.47 4.90
C LYS A 207 -17.42 -16.38 4.83
N TYR A 208 -18.67 -16.78 4.89
CA TYR A 208 -19.74 -15.83 5.10
C TYR A 208 -19.82 -15.52 6.57
N LYS A 209 -19.70 -14.26 6.93
CA LYS A 209 -20.02 -13.88 8.30
C LYS A 209 -21.30 -13.05 8.35
N ALA A 210 -22.37 -13.72 8.75
CA ALA A 210 -23.70 -13.14 8.75
C ALA A 210 -23.76 -11.85 9.54
N SER A 211 -23.15 -11.85 10.72
CA SER A 211 -23.26 -10.71 11.60
C SER A 211 -22.51 -9.51 11.04
N GLU A 212 -21.89 -9.70 9.89
CA GLU A 212 -21.10 -8.63 9.28
C GLU A 212 -21.61 -8.38 7.86
N ASN A 213 -22.43 -9.31 7.39
CA ASN A 213 -23.11 -9.17 6.11
C ASN A 213 -22.15 -9.10 4.96
N ALA A 214 -21.15 -9.97 5.00
CA ALA A 214 -20.11 -9.97 4.02
C ALA A 214 -19.48 -11.34 3.88
N ILE A 215 -19.18 -11.70 2.64
CA ILE A 215 -18.30 -12.81 2.37
C ILE A 215 -16.87 -12.28 2.41
N VAL A 216 -16.03 -12.90 3.22
CA VAL A 216 -14.65 -12.48 3.37
C VAL A 216 -13.74 -13.54 2.77
N TRP A 217 -12.91 -13.11 1.82
CA TRP A 217 -12.03 -14.01 1.08
C TRP A 217 -10.60 -13.65 1.44
N LYS A 218 -9.84 -14.65 1.92
CA LYS A 218 -8.49 -14.41 2.38
C LYS A 218 -7.47 -15.23 1.61
N ILE A 219 -6.44 -14.55 1.14
CA ILE A 219 -5.37 -15.18 0.39
C ILE A 219 -4.06 -14.74 1.00
N LYS A 220 -3.16 -15.69 1.16
CA LYS A 220 -1.92 -15.48 1.90
C LYS A 220 -0.96 -14.68 1.07
N ARG A 221 -0.76 -15.11 -0.18
CA ARG A 221 0.14 -14.42 -1.10
C ARG A 221 -0.30 -14.65 -2.54
N MET A 222 0.04 -13.72 -3.41
CA MET A 222 -0.29 -13.82 -4.83
C MET A 222 0.76 -13.05 -5.65
N ALA A 223 1.34 -13.71 -6.65
CA ALA A 223 2.35 -13.05 -7.49
C ALA A 223 1.70 -12.09 -8.46
N GLY A 224 2.46 -11.11 -8.93
CA GLY A 224 1.98 -10.14 -9.92
C GLY A 224 1.68 -10.80 -11.24
N MET A 225 0.80 -10.20 -12.03
CA MET A 225 0.42 -10.76 -13.32
C MET A 225 -0.35 -12.08 -13.18
N LYS A 226 -1.16 -12.20 -12.13
CA LYS A 226 -2.04 -13.35 -12.01
C LYS A 226 -3.48 -12.90 -11.86
N GLU A 227 -4.41 -13.86 -11.89
CA GLU A 227 -5.80 -13.55 -11.61
C GLU A 227 -6.50 -14.71 -10.91
N SER A 228 -7.48 -14.39 -10.06
CA SER A 228 -8.21 -15.41 -9.30
C SER A 228 -9.71 -15.16 -9.25
N GLN A 229 -10.48 -16.25 -9.27
CA GLN A 229 -11.95 -16.22 -9.26
C GLN A 229 -12.46 -16.54 -7.87
N ILE A 230 -13.55 -15.89 -7.48
CA ILE A 230 -14.39 -16.47 -6.44
C ILE A 230 -15.85 -16.53 -6.90
N SER A 231 -16.52 -17.63 -6.60
CA SER A 231 -17.93 -17.78 -6.96
C SER A 231 -18.78 -17.97 -5.73
N ALA A 232 -19.83 -17.18 -5.62
CA ALA A 232 -20.74 -17.26 -4.50
C ALA A 232 -22.16 -17.36 -4.99
N GLU A 233 -22.99 -18.09 -4.26
CA GLU A 233 -24.41 -18.13 -4.52
C GLU A 233 -25.08 -17.65 -3.25
N ILE A 234 -25.78 -16.52 -3.32
CA ILE A 234 -26.41 -15.94 -2.14
C ILE A 234 -27.90 -16.20 -2.10
N GLU A 235 -28.34 -16.90 -1.06
CA GLU A 235 -29.74 -17.32 -0.94
C GLU A 235 -30.55 -16.32 -0.13
N LEU A 236 -31.64 -15.84 -0.73
CA LEU A 236 -32.42 -14.73 -0.16
C LEU A 236 -33.76 -15.12 0.47
N LEU A 237 -34.11 -14.43 1.56
CA LEU A 237 -35.43 -14.53 2.17
C LEU A 237 -36.37 -13.61 1.40
N PRO A 238 -37.69 -13.88 1.46
CA PRO A 238 -38.64 -12.97 0.85
C PRO A 238 -38.52 -11.58 1.49
N THR A 239 -38.79 -10.54 0.73
CA THR A 239 -38.57 -9.21 1.25
C THR A 239 -39.48 -8.16 0.62
N ASN A 240 -39.43 -6.96 1.17
CA ASN A 240 -40.15 -5.82 0.63
C ASN A 240 -39.70 -5.47 -0.79
N ASP A 241 -40.48 -5.94 -1.77
CA ASP A 241 -40.16 -5.82 -3.20
C ASP A 241 -39.94 -4.38 -3.70
N LYS A 242 -40.12 -3.39 -2.82
CA LYS A 242 -39.99 -1.99 -3.22
C LYS A 242 -38.56 -1.56 -3.57
N LYS A 243 -37.87 -0.93 -2.62
CA LYS A 243 -36.48 -0.48 -2.86
C LYS A 243 -35.56 -1.70 -3.05
N LYS A 244 -34.71 -1.64 -4.07
CA LYS A 244 -33.74 -2.72 -4.33
C LYS A 244 -32.60 -2.72 -3.31
N TRP A 245 -31.64 -3.62 -3.52
CA TRP A 245 -30.40 -3.64 -2.75
C TRP A 245 -29.50 -2.52 -3.27
N ALA A 246 -29.28 -1.50 -2.44
CA ALA A 246 -28.29 -0.47 -2.72
C ALA A 246 -26.91 -1.04 -2.40
N ARG A 247 -26.29 -1.66 -3.40
CA ARG A 247 -25.07 -2.45 -3.20
C ARG A 247 -23.88 -1.66 -2.69
N PRO A 248 -23.35 -2.02 -1.51
CA PRO A 248 -22.07 -1.40 -1.14
C PRO A 248 -20.98 -1.91 -2.06
N PRO A 249 -19.87 -1.18 -2.18
CA PRO A 249 -18.85 -1.65 -3.12
C PRO A 249 -18.13 -2.86 -2.58
N ILE A 250 -17.48 -3.60 -3.46
CA ILE A 250 -16.62 -4.69 -3.05
C ILE A 250 -15.32 -4.10 -2.58
N SER A 251 -14.91 -4.53 -1.39
CA SER A 251 -13.81 -3.92 -0.68
C SER A 251 -12.58 -4.81 -0.74
N MET A 252 -11.39 -4.21 -0.69
CA MET A 252 -10.18 -5.01 -0.77
C MET A 252 -9.07 -4.58 0.17
N ASN A 253 -8.33 -5.56 0.68
CA ASN A 253 -7.08 -5.27 1.40
C ASN A 253 -5.92 -6.11 0.91
N PHE A 254 -4.74 -5.52 0.94
CA PHE A 254 -3.56 -6.20 0.44
C PHE A 254 -2.34 -5.43 0.89
N GLU A 255 -1.18 -6.01 0.62
CA GLU A 255 0.08 -5.40 1.00
C GLU A 255 1.05 -5.78 -0.11
N VAL A 256 1.84 -4.81 -0.56
CA VAL A 256 2.77 -5.07 -1.65
C VAL A 256 4.12 -4.44 -1.35
N PRO A 257 5.20 -5.08 -1.81
CA PRO A 257 6.56 -4.61 -1.55
C PRO A 257 7.01 -3.58 -2.57
N PHE A 258 6.24 -2.50 -2.74
CA PHE A 258 6.67 -1.40 -3.60
C PHE A 258 5.76 -0.19 -3.40
N ALA A 259 6.27 0.99 -3.75
CA ALA A 259 5.46 2.21 -3.68
C ALA A 259 4.46 2.23 -4.84
N PRO A 260 3.16 2.23 -4.52
CA PRO A 260 2.21 2.34 -5.62
C PRO A 260 2.28 3.72 -6.30
N SER A 261 2.86 4.70 -5.62
CA SER A 261 3.08 6.00 -6.26
C SER A 261 4.15 5.89 -7.36
N GLY A 262 4.98 4.87 -7.27
CA GLY A 262 6.04 4.68 -8.25
C GLY A 262 7.36 5.25 -7.75
N LEU A 263 7.34 5.71 -6.51
CA LEU A 263 8.51 6.32 -5.91
C LEU A 263 9.64 5.32 -5.66
N LYS A 264 10.86 5.75 -5.97
CA LYS A 264 12.08 4.98 -5.71
C LYS A 264 13.08 5.89 -5.02
N VAL A 265 13.77 5.37 -4.01
CA VAL A 265 14.88 6.10 -3.42
C VAL A 265 16.06 5.98 -4.38
N ARG A 266 16.57 7.10 -4.86
CA ARG A 266 17.70 7.08 -5.80
C ARG A 266 18.99 6.97 -5.02
N TYR A 267 19.03 7.63 -3.87
CA TYR A 267 20.23 7.59 -3.06
C TYR A 267 19.98 8.25 -1.71
N LEU A 268 20.77 7.86 -0.72
CA LEU A 268 20.90 8.62 0.50
C LEU A 268 22.38 8.76 0.82
N LYS A 269 22.84 10.01 0.88
CA LYS A 269 24.25 10.32 0.95
C LYS A 269 24.63 10.89 2.30
N VAL A 270 25.68 10.34 2.89
CA VAL A 270 26.15 10.81 4.18
C VAL A 270 27.51 11.47 4.06
N PHE A 271 27.64 12.63 4.70
CA PHE A 271 28.90 13.34 4.76
C PHE A 271 29.11 13.79 6.19
N GLU A 272 30.24 13.39 6.75
CA GLU A 272 30.62 13.84 8.10
C GLU A 272 32.04 14.36 7.97
N PRO A 273 32.18 15.67 7.71
CA PRO A 273 33.47 16.23 7.31
C PRO A 273 34.58 15.84 8.28
N LYS A 274 34.25 15.81 9.57
CA LYS A 274 35.22 15.50 10.61
C LYS A 274 35.74 14.04 10.66
N LEU A 275 34.85 13.08 10.93
CA LEU A 275 35.26 11.70 11.28
C LEU A 275 35.84 10.89 10.12
N ASN A 276 36.65 9.87 10.43
CA ASN A 276 37.36 9.11 9.40
C ASN A 276 36.45 8.51 8.34
N TYR A 277 35.20 8.24 8.70
CA TYR A 277 34.31 7.54 7.76
C TYR A 277 33.67 8.46 6.74
N SER A 278 33.36 7.87 5.60
CA SER A 278 32.70 8.58 4.52
C SER A 278 31.47 7.80 4.02
N ASP A 279 30.80 8.38 3.04
CA ASP A 279 29.59 7.82 2.48
C ASP A 279 29.65 6.33 2.13
N HIS A 280 30.81 5.88 1.65
CA HIS A 280 30.99 4.50 1.17
C HIS A 280 31.14 3.50 2.30
N ASP A 281 31.34 4.01 3.51
CA ASP A 281 31.45 3.15 4.70
C ASP A 281 30.06 2.84 5.24
N VAL A 282 29.07 3.63 4.85
CA VAL A 282 27.73 3.52 5.42
C VAL A 282 26.96 2.38 4.78
N ILE A 283 26.30 1.58 5.60
CA ILE A 283 25.49 0.48 5.09
C ILE A 283 24.04 0.90 5.01
N LYS A 284 23.43 0.72 3.85
CA LYS A 284 22.13 1.32 3.56
C LYS A 284 21.07 0.30 3.16
N TRP A 285 19.91 0.39 3.81
CA TRP A 285 18.79 -0.50 3.48
C TRP A 285 17.51 0.27 3.20
N VAL A 286 16.62 -0.34 2.43
CA VAL A 286 15.35 0.27 2.12
C VAL A 286 14.28 -0.80 2.13
N ARG A 287 13.07 -0.44 2.52
CA ARG A 287 11.95 -1.32 2.27
C ARG A 287 10.71 -0.53 1.89
N TYR A 288 10.00 -1.06 0.90
CA TYR A 288 8.76 -0.47 0.42
C TYR A 288 7.57 -1.30 0.86
N ILE A 289 6.61 -0.66 1.53
CA ILE A 289 5.34 -1.31 1.83
C ILE A 289 4.18 -0.46 1.34
N GLY A 290 3.53 -0.95 0.29
CA GLY A 290 2.31 -0.32 -0.19
C GLY A 290 1.15 -1.09 0.37
N ARG A 291 0.30 -0.43 1.15
CA ARG A 291 -0.87 -1.09 1.69
C ARG A 291 -2.12 -0.37 1.23
N SER A 292 -3.18 -1.14 1.00
CA SER A 292 -4.46 -0.58 0.63
C SER A 292 -4.96 0.35 1.72
N GLY A 293 -5.49 1.50 1.33
CA GLY A 293 -6.27 2.32 2.25
C GLY A 293 -7.70 1.94 1.96
N ILE A 294 -8.49 2.90 1.49
CA ILE A 294 -9.80 2.61 0.96
C ILE A 294 -9.65 2.19 -0.50
N TYR A 295 -10.09 0.98 -0.82
CA TYR A 295 -9.82 0.40 -2.14
C TYR A 295 -11.05 -0.38 -2.59
N GLU A 296 -12.01 0.32 -3.20
CA GLU A 296 -13.32 -0.26 -3.48
C GLU A 296 -13.68 -0.27 -4.96
N THR A 297 -14.50 -1.23 -5.33
CA THR A 297 -15.03 -1.31 -6.67
C THR A 297 -16.53 -1.42 -6.59
N ARG A 298 -17.22 -0.39 -7.05
CA ARG A 298 -18.67 -0.44 -7.10
C ARG A 298 -19.05 -1.62 -7.96
N CYS A 299 -20.26 -2.12 -7.75
CA CYS A 299 -20.78 -3.20 -8.57
C CYS A 299 -22.29 -3.26 -8.55
N SER B 1 4.41 -5.14 6.45
CA SER B 1 5.76 -4.51 6.35
C SER B 1 6.87 -5.57 6.31
N TRP B 2 7.93 -5.28 5.57
CA TRP B 2 8.77 -6.31 4.98
C TRP B 2 10.22 -6.40 5.45
N VAL B 3 10.97 -7.23 4.71
CA VAL B 3 12.41 -7.38 4.89
C VAL B 3 13.15 -6.30 4.10
N TYR B 4 14.21 -5.76 4.68
CA TYR B 4 15.01 -4.72 4.04
C TYR B 4 15.82 -5.27 2.87
N SER B 5 16.15 -4.38 1.94
CA SER B 5 17.08 -4.69 0.84
C SER B 5 18.18 -3.65 0.83
N PRO B 6 19.34 -4.00 0.24
CA PRO B 6 20.40 -3.01 0.10
C PRO B 6 19.87 -1.85 -0.72
N LEU B 7 20.23 -0.64 -0.39
CA LEU B 7 19.73 0.49 -1.13
C LEU B 7 20.12 0.38 -2.58
N HIS B 8 21.36 0.01 -2.83
CA HIS B 8 21.82 -0.23 -4.18
C HIS B 8 22.28 -1.66 -4.33
NI NI C . 15.70 -0.54 12.98
#